data_1UDG
#
_entry.id   1UDG
#
_cell.length_a   65.140
_cell.length_b   65.140
_cell.length_c   49.160
_cell.angle_alpha   90.00
_cell.angle_beta   90.00
_cell.angle_gamma   120.00
#
_symmetry.space_group_name_H-M   'P 31'
#
loop_
_entity.id
_entity.type
_entity.pdbx_description
1 polymer 'URACIL-DNA GLYCOSYLASE'
2 non-polymer 'SULFATE ION'
3 water water
#
_entity_poly.entity_id   1
_entity_poly.type   'polypeptide(L)'
_entity_poly.pdbx_seq_one_letter_code
;MDLTNGGVSPAATSAPLDWTTFRRVFLIDDAWRPLMEPELANPLTAHLLAEYNRRCQTEEVLPPREDVFSWTRYCTPDEV
RVVIIGQDPYHHPGQAHGLAFSVRANVPPPPSLRNVLAAVKNCYPEARMSGHGCLEKWARDGVLLLNTTLTVKRGAAASH
SRIGWDRFVGGVIRRLAARRPGLVFMLWGTHAQNAIRPDPRVHCVLKFSHPSPLSKVPFGTCQHFLVANRYLETRSISPI
DWSV
;
_entity_poly.pdbx_strand_id   A
#
loop_
_chem_comp.id
_chem_comp.type
_chem_comp.name
_chem_comp.formula
SO4 non-polymer 'SULFATE ION' 'O4 S -2'
#
# COMPACT_ATOMS: atom_id res chain seq x y z
N LEU A 17 -20.35 19.47 6.23
CA LEU A 17 -19.19 19.21 5.32
C LEU A 17 -18.40 18.06 5.86
N ASP A 18 -18.95 16.84 5.83
CA ASP A 18 -18.20 15.72 6.33
C ASP A 18 -17.11 15.39 5.33
N TRP A 19 -17.48 14.95 4.13
CA TRP A 19 -16.45 14.62 3.13
C TRP A 19 -15.61 15.82 2.77
N THR A 20 -16.25 16.98 2.62
CA THR A 20 -15.51 18.21 2.27
C THR A 20 -14.39 18.54 3.28
N THR A 21 -14.71 18.39 4.55
CA THR A 21 -13.81 18.66 5.67
C THR A 21 -12.71 17.61 5.80
N PHE A 22 -13.09 16.34 5.71
CA PHE A 22 -12.18 15.20 5.80
C PHE A 22 -11.13 15.30 4.70
N ARG A 23 -11.62 15.51 3.50
CA ARG A 23 -10.75 15.62 2.36
C ARG A 23 -9.77 16.80 2.45
N ARG A 24 -10.18 17.87 3.14
CA ARG A 24 -9.35 19.07 3.32
C ARG A 24 -8.22 18.79 4.33
N VAL A 25 -8.55 18.12 5.42
CA VAL A 25 -7.57 17.79 6.47
C VAL A 25 -6.44 16.89 5.97
N PHE A 26 -6.77 15.93 5.13
CA PHE A 26 -5.77 14.98 4.65
C PHE A 26 -5.33 15.20 3.23
N LEU A 27 -5.94 16.18 2.55
CA LEU A 27 -5.65 16.51 1.14
C LEU A 27 -5.87 15.24 0.26
N ILE A 28 -7.07 14.70 0.31
CA ILE A 28 -7.41 13.50 -0.43
C ILE A 28 -7.92 13.85 -1.82
N ASP A 29 -7.49 13.10 -2.82
CA ASP A 29 -7.95 13.36 -4.18
C ASP A 29 -9.41 12.92 -4.28
N ASP A 30 -10.26 13.78 -4.84
CA ASP A 30 -11.69 13.51 -4.94
C ASP A 30 -12.17 12.28 -5.71
N ALA A 31 -11.31 11.68 -6.52
CA ALA A 31 -11.61 10.48 -7.29
C ALA A 31 -11.86 9.30 -6.37
N TRP A 32 -11.40 9.42 -5.13
CA TRP A 32 -11.56 8.36 -4.18
C TRP A 32 -12.82 8.49 -3.35
N ARG A 33 -13.51 9.60 -3.52
CA ARG A 33 -14.73 9.84 -2.78
C ARG A 33 -15.74 8.66 -2.73
N PRO A 34 -16.06 8.06 -3.88
CA PRO A 34 -17.03 6.96 -3.85
C PRO A 34 -16.58 5.83 -2.98
N LEU A 35 -15.26 5.59 -2.94
CA LEU A 35 -14.71 4.48 -2.15
C LEU A 35 -14.58 4.75 -0.66
N MET A 36 -14.23 5.98 -0.30
CA MET A 36 -14.02 6.41 1.08
C MET A 36 -15.19 7.08 1.84
N GLU A 37 -16.01 7.85 1.17
CA GLU A 37 -17.12 8.49 1.85
C GLU A 37 -18.02 7.56 2.66
N PRO A 38 -18.41 6.39 2.11
CA PRO A 38 -19.29 5.50 2.90
C PRO A 38 -18.69 5.16 4.27
N GLU A 39 -17.37 5.07 4.33
CA GLU A 39 -16.64 4.77 5.56
C GLU A 39 -16.74 5.88 6.59
N LEU A 40 -16.67 7.13 6.13
CA LEU A 40 -16.75 8.27 7.02
C LEU A 40 -17.92 8.15 7.96
N ALA A 41 -19.02 7.68 7.42
CA ALA A 41 -20.24 7.53 8.18
C ALA A 41 -20.25 6.46 9.28
N ASN A 42 -19.44 5.42 9.16
CA ASN A 42 -19.39 4.36 10.17
C ASN A 42 -18.99 4.92 11.53
N PRO A 43 -19.78 4.64 12.58
CA PRO A 43 -19.42 5.14 13.91
C PRO A 43 -18.02 4.69 14.34
N LEU A 44 -17.61 3.49 13.91
CA LEU A 44 -16.27 2.97 14.24
C LEU A 44 -15.19 3.88 13.69
N THR A 45 -15.50 4.56 12.60
CA THR A 45 -14.56 5.47 11.98
C THR A 45 -14.24 6.71 12.86
N ALA A 46 -15.26 7.24 13.56
CA ALA A 46 -15.13 8.43 14.42
C ALA A 46 -14.17 8.16 15.58
N HIS A 47 -14.22 6.94 16.09
CA HIS A 47 -13.36 6.53 17.20
C HIS A 47 -11.95 6.49 16.65
N LEU A 48 -11.80 5.93 15.46
CA LEU A 48 -10.49 5.85 14.83
C LEU A 48 -9.89 7.21 14.64
N LEU A 49 -10.67 8.10 14.04
CA LEU A 49 -10.23 9.47 13.78
C LEU A 49 -9.84 10.30 15.05
N ALA A 50 -10.67 10.18 16.09
CA ALA A 50 -10.44 10.87 17.35
C ALA A 50 -9.18 10.30 18.00
N GLU A 51 -8.99 8.99 17.92
CA GLU A 51 -7.80 8.34 18.50
C GLU A 51 -6.51 8.76 17.79
N TYR A 52 -6.56 8.83 16.47
CA TYR A 52 -5.41 9.28 15.67
C TYR A 52 -5.06 10.70 16.11
N ASN A 53 -6.08 11.55 16.22
CA ASN A 53 -5.90 12.94 16.65
C ASN A 53 -5.41 13.05 18.13
N ARG A 54 -5.82 12.14 19.00
CA ARG A 54 -5.36 12.18 20.37
C ARG A 54 -3.85 11.84 20.38
N ARG A 55 -3.44 10.81 19.61
CA ARG A 55 -2.03 10.41 19.47
C ARG A 55 -1.16 11.58 18.98
N CYS A 56 -1.64 12.28 17.97
CA CYS A 56 -0.93 13.42 17.44
C CYS A 56 -0.75 14.48 18.54
N GLN A 57 -1.68 14.54 19.50
CA GLN A 57 -1.59 15.50 20.60
C GLN A 57 -0.44 15.11 21.56
N THR A 58 -0.23 13.79 21.73
CA THR A 58 0.75 13.25 22.67
C THR A 58 2.02 12.51 22.23
N GLU A 59 2.40 12.57 20.96
CA GLU A 59 3.60 11.88 20.47
C GLU A 59 3.97 12.33 19.05
N GLU A 60 5.16 11.94 18.60
CA GLU A 60 5.62 12.24 17.25
C GLU A 60 5.02 11.14 16.36
N VAL A 61 4.05 11.51 15.52
CA VAL A 61 3.36 10.57 14.62
C VAL A 61 3.86 10.66 13.20
N LEU A 62 4.14 9.52 12.59
CA LEU A 62 4.64 9.45 11.21
C LEU A 62 3.70 8.55 10.37
N PRO A 63 3.53 8.85 9.07
CA PRO A 63 4.18 9.98 8.38
C PRO A 63 3.44 11.28 8.70
N PRO A 64 3.94 12.40 8.17
CA PRO A 64 3.25 13.67 8.46
C PRO A 64 1.78 13.56 7.96
N ARG A 65 0.89 14.34 8.56
CA ARG A 65 -0.53 14.32 8.21
C ARG A 65 -0.91 14.40 6.72
N GLU A 66 -0.25 15.28 5.97
CA GLU A 66 -0.55 15.45 4.53
C GLU A 66 0.06 14.34 3.64
N ASP A 67 0.78 13.39 4.26
CA ASP A 67 1.39 12.26 3.59
C ASP A 67 0.57 11.01 3.87
N VAL A 68 -0.19 11.02 4.97
CA VAL A 68 -0.97 9.84 5.35
C VAL A 68 -1.81 9.25 4.19
N PHE A 69 -2.43 10.11 3.38
CA PHE A 69 -3.22 9.63 2.27
C PHE A 69 -2.64 9.91 0.88
N SER A 70 -1.32 9.93 0.77
CA SER A 70 -0.66 10.20 -0.52
C SER A 70 -1.06 9.22 -1.63
N TRP A 71 -1.36 7.98 -1.25
CA TRP A 71 -1.77 6.95 -2.19
C TRP A 71 -3.07 7.30 -2.97
N THR A 72 -3.88 8.19 -2.43
CA THR A 72 -5.09 8.58 -3.13
C THR A 72 -4.71 9.55 -4.22
N ARG A 73 -3.54 10.15 -4.12
CA ARG A 73 -3.14 11.13 -5.11
C ARG A 73 -2.34 10.65 -6.32
N TYR A 74 -1.68 9.49 -6.24
CA TYR A 74 -0.89 9.02 -7.38
C TYR A 74 -1.66 8.53 -8.59
N CYS A 75 -2.81 7.90 -8.38
CA CYS A 75 -3.66 7.38 -9.46
C CYS A 75 -5.06 7.30 -8.92
N THR A 76 -6.02 7.12 -9.83
CA THR A 76 -7.41 7.00 -9.43
C THR A 76 -7.76 5.50 -9.26
N PRO A 77 -8.94 5.18 -8.65
CA PRO A 77 -9.35 3.77 -8.47
C PRO A 77 -9.40 3.03 -9.83
N ASP A 78 -9.91 3.71 -10.86
CA ASP A 78 -10.02 3.13 -12.21
C ASP A 78 -8.69 2.94 -12.90
N GLU A 79 -7.61 3.44 -12.31
CA GLU A 79 -6.27 3.26 -12.88
C GLU A 79 -5.53 2.13 -12.15
N VAL A 80 -6.11 1.62 -11.07
CA VAL A 80 -5.45 0.56 -10.32
C VAL A 80 -5.45 -0.79 -11.02
N ARG A 81 -4.25 -1.36 -11.18
CA ARG A 81 -4.02 -2.67 -11.78
C ARG A 81 -3.47 -3.71 -10.77
N VAL A 82 -2.63 -3.28 -9.83
CA VAL A 82 -2.10 -4.20 -8.85
C VAL A 82 -2.19 -3.64 -7.44
N VAL A 83 -2.50 -4.49 -6.46
CA VAL A 83 -2.56 -4.08 -5.08
C VAL A 83 -1.52 -4.89 -4.26
N ILE A 84 -0.58 -4.17 -3.63
CA ILE A 84 0.45 -4.76 -2.77
C ILE A 84 0.16 -4.23 -1.36
N ILE A 85 0.01 -5.14 -0.41
CA ILE A 85 -0.32 -4.86 0.98
C ILE A 85 0.88 -4.88 1.93
N GLY A 86 0.96 -3.88 2.81
CA GLY A 86 2.03 -3.77 3.79
C GLY A 86 1.44 -3.76 5.18
N GLN A 87 2.28 -3.61 6.19
CA GLN A 87 1.82 -3.60 7.57
C GLN A 87 1.68 -2.17 8.10
N ASP A 88 2.77 -1.55 8.60
CA ASP A 88 2.70 -0.17 9.10
C ASP A 88 3.87 0.63 8.54
N PRO A 89 3.82 2.00 8.63
CA PRO A 89 4.89 2.87 8.12
C PRO A 89 6.23 2.72 8.84
N TYR A 90 7.31 3.07 8.12
CA TYR A 90 8.66 3.08 8.65
C TYR A 90 8.55 4.01 9.84
N HIS A 91 9.23 3.67 10.93
CA HIS A 91 9.12 4.45 12.16
C HIS A 91 10.23 5.46 12.45
N HIS A 92 11.07 5.73 11.46
CA HIS A 92 12.13 6.69 11.67
C HIS A 92 11.78 7.85 10.83
N PRO A 93 12.00 9.03 11.38
CA PRO A 93 11.68 10.22 10.60
C PRO A 93 12.34 10.25 9.23
N GLY A 94 11.63 10.76 8.24
CA GLY A 94 12.19 10.91 6.91
C GLY A 94 12.11 9.77 5.92
N GLN A 95 11.68 8.59 6.38
CA GLN A 95 11.56 7.43 5.51
C GLN A 95 10.17 7.32 4.84
N ALA A 96 9.13 7.11 5.65
CA ALA A 96 7.78 6.95 5.15
C ALA A 96 7.15 8.21 4.53
N HIS A 97 6.30 8.01 3.52
CA HIS A 97 5.64 9.11 2.86
C HIS A 97 4.22 8.79 2.38
N GLY A 98 3.61 7.76 2.96
CA GLY A 98 2.24 7.39 2.65
C GLY A 98 1.99 6.12 1.85
N LEU A 99 3.08 5.52 1.34
CA LEU A 99 3.04 4.31 0.52
C LEU A 99 3.69 3.12 1.23
N ALA A 100 3.17 1.92 1.02
CA ALA A 100 3.79 0.76 1.64
C ALA A 100 5.15 0.54 0.95
N PHE A 101 6.15 0.12 1.72
CA PHE A 101 7.53 -0.17 1.27
C PHE A 101 8.42 0.97 0.75
N SER A 102 7.82 1.92 0.05
CA SER A 102 8.53 3.05 -0.54
C SER A 102 9.17 4.02 0.45
N VAL A 103 10.36 4.51 0.12
CA VAL A 103 11.01 5.53 0.93
C VAL A 103 11.28 6.73 0.02
N ARG A 104 11.41 7.90 0.65
CA ARG A 104 11.75 9.13 -0.06
C ARG A 104 13.12 8.87 -0.81
N ALA A 105 13.23 9.45 -2.00
CA ALA A 105 14.35 9.30 -2.96
C ALA A 105 15.81 9.19 -2.52
N ASN A 106 16.18 9.98 -1.52
CA ASN A 106 17.56 9.93 -1.05
C ASN A 106 17.71 9.16 0.24
N VAL A 107 16.82 8.19 0.45
CA VAL A 107 16.84 7.32 1.63
C VAL A 107 17.23 5.95 1.05
N PRO A 108 18.32 5.34 1.56
CA PRO A 108 18.76 4.03 1.07
C PRO A 108 17.70 2.99 1.38
N PRO A 109 17.38 2.16 0.37
CA PRO A 109 16.39 1.10 0.56
C PRO A 109 16.66 0.17 1.77
N PRO A 110 15.72 0.14 2.73
CA PRO A 110 15.89 -0.72 3.90
C PRO A 110 15.93 -2.21 3.43
N PRO A 111 16.21 -3.19 4.32
CA PRO A 111 16.27 -4.62 3.96
C PRO A 111 15.12 -5.26 3.16
N SER A 112 13.88 -5.15 3.62
CA SER A 112 12.77 -5.74 2.89
C SER A 112 12.62 -5.19 1.49
N LEU A 113 12.73 -3.87 1.35
CA LEU A 113 12.61 -3.18 0.06
C LEU A 113 13.72 -3.56 -0.90
N ARG A 114 14.93 -3.75 -0.37
CA ARG A 114 16.05 -4.20 -1.22
C ARG A 114 15.69 -5.55 -1.89
N ASN A 115 15.13 -6.48 -1.10
CA ASN A 115 14.69 -7.78 -1.59
C ASN A 115 13.62 -7.68 -2.68
N VAL A 116 12.70 -6.72 -2.56
CA VAL A 116 11.65 -6.47 -3.55
C VAL A 116 12.26 -6.07 -4.87
N LEU A 117 13.12 -5.05 -4.79
CA LEU A 117 13.85 -4.52 -5.94
C LEU A 117 14.78 -5.62 -6.51
N ALA A 118 15.33 -6.48 -5.66
CA ALA A 118 16.17 -7.57 -6.15
C ALA A 118 15.31 -8.54 -7.00
N ALA A 119 14.11 -8.86 -6.51
CA ALA A 119 13.18 -9.74 -7.21
C ALA A 119 12.75 -9.18 -8.55
N VAL A 120 12.46 -7.89 -8.61
CA VAL A 120 12.07 -7.28 -9.90
C VAL A 120 13.16 -7.50 -10.96
N LYS A 121 14.41 -7.21 -10.59
CA LYS A 121 15.58 -7.34 -11.45
C LYS A 121 15.81 -8.79 -11.93
N ASN A 122 15.57 -9.76 -11.05
CA ASN A 122 15.74 -11.14 -11.45
C ASN A 122 14.66 -11.50 -12.48
N CYS A 123 13.44 -10.97 -12.27
CA CYS A 123 12.29 -11.22 -13.14
C CYS A 123 12.38 -10.52 -14.48
N TYR A 124 12.90 -9.30 -14.48
CA TYR A 124 13.04 -8.49 -15.68
C TYR A 124 14.45 -7.89 -15.70
N PRO A 125 15.41 -8.64 -16.24
CA PRO A 125 16.80 -8.15 -16.30
C PRO A 125 16.99 -6.93 -17.21
N GLU A 126 16.05 -6.69 -18.12
CA GLU A 126 16.13 -5.52 -19.00
C GLU A 126 15.54 -4.29 -18.26
N ALA A 127 15.37 -4.43 -16.94
CA ALA A 127 14.83 -3.37 -16.10
C ALA A 127 15.81 -2.22 -15.85
N ARG A 128 15.27 -1.00 -15.90
CA ARG A 128 16.06 0.20 -15.66
C ARG A 128 15.96 0.55 -14.17
N MET A 129 16.67 -0.20 -13.31
CA MET A 129 16.63 0.06 -11.88
C MET A 129 17.50 1.29 -11.58
N SER A 130 16.89 2.29 -10.96
CA SER A 130 17.60 3.53 -10.63
C SER A 130 18.42 3.36 -9.40
N GLY A 131 18.17 2.29 -8.66
CA GLY A 131 18.89 2.07 -7.43
C GLY A 131 18.21 2.78 -6.27
N HIS A 132 17.21 3.62 -6.57
CA HIS A 132 16.48 4.36 -5.54
C HIS A 132 15.35 3.46 -4.99
N GLY A 133 14.77 3.87 -3.86
CA GLY A 133 13.68 3.13 -3.24
C GLY A 133 12.31 3.83 -3.29
N CYS A 134 12.21 4.96 -4.00
CA CYS A 134 10.94 5.69 -4.13
C CYS A 134 10.09 5.02 -5.22
N LEU A 135 8.90 4.56 -4.85
CA LEU A 135 8.02 3.86 -5.77
C LEU A 135 6.88 4.71 -6.33
N GLU A 136 7.10 6.01 -6.43
CA GLU A 136 6.08 6.91 -6.96
C GLU A 136 5.73 6.62 -8.45
N LYS A 137 6.73 6.24 -9.25
CA LYS A 137 6.52 5.86 -10.65
C LYS A 137 5.53 4.69 -10.73
N TRP A 138 5.70 3.70 -9.84
CA TRP A 138 4.81 2.53 -9.75
C TRP A 138 3.40 2.97 -9.38
N ALA A 139 3.30 3.79 -8.34
CA ALA A 139 2.03 4.34 -7.85
C ALA A 139 1.27 5.04 -8.98
N ARG A 140 1.97 5.87 -9.75
CA ARG A 140 1.34 6.55 -10.88
C ARG A 140 0.91 5.55 -11.98
N ASP A 141 1.53 4.37 -12.01
CA ASP A 141 1.23 3.35 -13.00
C ASP A 141 0.11 2.42 -12.54
N GLY A 142 -0.59 2.79 -11.48
CA GLY A 142 -1.67 1.96 -11.00
C GLY A 142 -1.33 0.81 -10.07
N VAL A 143 -0.16 0.82 -9.48
CA VAL A 143 0.25 -0.18 -8.48
C VAL A 143 -0.11 0.49 -7.10
N LEU A 144 -1.18 0.04 -6.45
CA LEU A 144 -1.61 0.61 -5.18
C LEU A 144 -0.83 -0.03 -4.02
N LEU A 145 0.02 0.76 -3.38
CA LEU A 145 0.88 0.31 -2.29
C LEU A 145 0.20 0.73 -0.99
N LEU A 146 -0.57 -0.18 -0.45
CA LEU A 146 -1.35 0.12 0.73
C LEU A 146 -0.99 -0.63 2.04
N ASN A 147 -0.68 0.15 3.08
CA ASN A 147 -0.39 -0.41 4.39
C ASN A 147 -1.75 -0.63 5.09
N THR A 148 -1.87 -1.67 5.90
CA THR A 148 -3.10 -1.86 6.66
C THR A 148 -3.15 -0.87 7.88
N THR A 149 -1.99 -0.46 8.40
CA THR A 149 -1.93 0.53 9.49
C THR A 149 -1.26 1.75 8.83
N LEU A 150 -1.90 2.89 8.90
CA LEU A 150 -1.40 4.09 8.23
C LEU A 150 -0.50 5.08 8.98
N THR A 151 -0.29 4.84 10.27
CA THR A 151 0.52 5.75 11.07
C THR A 151 1.26 4.89 12.08
N VAL A 152 2.35 5.42 12.64
CA VAL A 152 3.12 4.71 13.67
C VAL A 152 3.73 5.79 14.58
N LYS A 153 3.90 5.48 15.86
CA LYS A 153 4.54 6.40 16.77
C LYS A 153 6.04 6.27 16.46
N ARG A 154 6.72 7.40 16.37
CA ARG A 154 8.17 7.45 16.11
C ARG A 154 9.02 6.47 16.97
N GLY A 155 9.80 5.61 16.31
CA GLY A 155 10.62 4.65 17.02
C GLY A 155 9.97 3.35 17.50
N ALA A 156 8.64 3.34 17.59
CA ALA A 156 7.92 2.16 18.05
C ALA A 156 7.17 1.41 16.94
N ALA A 157 7.72 0.29 16.50
CA ALA A 157 7.06 -0.49 15.46
C ALA A 157 5.75 -1.13 15.96
N ALA A 158 4.72 -1.07 15.12
CA ALA A 158 3.41 -1.64 15.42
C ALA A 158 2.62 -0.92 16.49
N SER A 159 3.12 0.22 16.97
CA SER A 159 2.44 0.97 18.06
C SER A 159 1.03 1.51 17.79
N HIS A 160 0.64 1.67 16.52
CA HIS A 160 -0.70 2.15 16.17
C HIS A 160 -1.62 1.03 15.56
N SER A 161 -1.18 -0.21 15.68
CA SER A 161 -1.87 -1.37 15.12
C SER A 161 -3.26 -1.76 15.61
N ARG A 162 -3.64 -1.20 16.75
CA ARG A 162 -4.93 -1.53 17.30
C ARG A 162 -5.84 -0.32 17.39
N ILE A 163 -5.48 0.78 16.74
CA ILE A 163 -6.34 1.96 16.81
C ILE A 163 -7.49 1.95 15.81
N GLY A 164 -7.42 1.09 14.79
CA GLY A 164 -8.51 0.98 13.83
C GLY A 164 -8.29 1.22 12.34
N TRP A 165 -7.05 1.45 11.91
CA TRP A 165 -6.77 1.69 10.49
C TRP A 165 -7.14 0.52 9.59
N ASP A 166 -6.88 -0.70 10.04
CA ASP A 166 -7.14 -1.86 9.21
C ASP A 166 -8.60 -2.10 8.84
N ARG A 167 -9.52 -1.76 9.75
CA ARG A 167 -10.97 -1.91 9.49
C ARG A 167 -11.33 -0.93 8.38
N PHE A 168 -10.86 0.32 8.52
CA PHE A 168 -11.07 1.39 7.56
C PHE A 168 -10.45 1.08 6.18
N VAL A 169 -9.16 0.71 6.13
CA VAL A 169 -8.44 0.33 4.88
C VAL A 169 -9.09 -0.90 4.19
N GLY A 170 -9.39 -1.91 5.00
CA GLY A 170 -10.05 -3.09 4.48
C GLY A 170 -11.36 -2.69 3.85
N GLY A 171 -12.07 -1.72 4.45
CA GLY A 171 -13.33 -1.26 3.89
C GLY A 171 -13.19 -0.65 2.50
N VAL A 172 -12.12 0.12 2.32
CA VAL A 172 -11.82 0.76 1.06
C VAL A 172 -11.36 -0.26 -0.01
N ILE A 173 -10.58 -1.26 0.39
CA ILE A 173 -10.14 -2.29 -0.53
C ILE A 173 -11.31 -3.19 -0.99
N ARG A 174 -12.25 -3.49 -0.08
CA ARG A 174 -13.42 -4.29 -0.40
C ARG A 174 -14.27 -3.61 -1.50
N ARG A 175 -14.49 -2.29 -1.37
CA ARG A 175 -15.23 -1.48 -2.34
C ARG A 175 -14.46 -1.29 -3.68
N LEU A 176 -13.14 -1.27 -3.62
CA LEU A 176 -12.36 -1.14 -4.83
C LEU A 176 -12.44 -2.46 -5.59
N ALA A 177 -12.20 -3.57 -4.91
CA ALA A 177 -12.25 -4.89 -5.55
C ALA A 177 -13.60 -5.22 -6.19
N ALA A 178 -14.70 -4.77 -5.58
CA ALA A 178 -16.06 -5.02 -6.08
C ALA A 178 -16.33 -4.17 -7.33
N ARG A 179 -15.76 -2.99 -7.34
CA ARG A 179 -15.88 -2.03 -8.42
C ARG A 179 -15.19 -2.56 -9.70
N ARG A 180 -14.12 -3.34 -9.52
CA ARG A 180 -13.38 -3.84 -10.67
C ARG A 180 -12.72 -5.17 -10.51
N PRO A 181 -13.26 -6.20 -11.15
CA PRO A 181 -12.79 -7.57 -11.12
C PRO A 181 -11.54 -7.62 -11.94
N GLY A 182 -10.77 -8.68 -11.74
CA GLY A 182 -9.53 -8.84 -12.47
C GLY A 182 -8.35 -8.09 -11.93
N LEU A 183 -8.38 -7.72 -10.63
CA LEU A 183 -7.24 -7.05 -10.00
C LEU A 183 -6.22 -8.09 -9.64
N VAL A 184 -4.95 -7.72 -9.50
CA VAL A 184 -3.94 -8.66 -9.07
C VAL A 184 -3.63 -8.26 -7.64
N PHE A 185 -3.59 -9.23 -6.74
CA PHE A 185 -3.25 -8.97 -5.34
C PHE A 185 -1.97 -9.70 -5.09
N MET A 186 -1.04 -9.04 -4.42
CA MET A 186 0.27 -9.58 -4.05
C MET A 186 0.33 -9.50 -2.52
N LEU A 187 0.04 -10.66 -1.90
CA LEU A 187 0.01 -10.85 -0.45
C LEU A 187 1.30 -11.57 0.02
N TRP A 188 2.22 -10.80 0.60
CA TRP A 188 3.54 -11.24 1.06
C TRP A 188 3.62 -11.37 2.54
N GLY A 189 3.69 -12.59 3.02
CA GLY A 189 3.78 -12.80 4.44
C GLY A 189 2.45 -13.09 5.08
N THR A 190 2.54 -13.67 6.27
CA THR A 190 1.42 -14.06 7.09
C THR A 190 0.38 -12.97 7.40
N HIS A 191 0.84 -11.81 7.83
CA HIS A 191 -0.11 -10.73 8.14
C HIS A 191 -0.97 -10.27 6.91
N ALA A 192 -0.32 -9.96 5.79
CA ALA A 192 -1.01 -9.53 4.59
C ALA A 192 -2.02 -10.60 4.15
N GLN A 193 -1.60 -11.86 4.22
CA GLN A 193 -2.45 -12.98 3.84
C GLN A 193 -3.61 -13.20 4.80
N ASN A 194 -3.47 -12.81 6.05
CA ASN A 194 -4.60 -12.99 6.93
C ASN A 194 -5.50 -11.79 6.93
N ALA A 195 -4.98 -10.65 6.52
CA ALA A 195 -5.79 -9.42 6.52
C ALA A 195 -6.74 -9.22 5.33
N ILE A 196 -6.30 -9.59 4.13
CA ILE A 196 -7.10 -9.38 2.93
C ILE A 196 -7.25 -10.71 2.23
N ARG A 197 -8.50 -11.10 2.03
CA ARG A 197 -8.82 -12.36 1.37
C ARG A 197 -9.79 -12.13 0.21
N PRO A 198 -9.26 -11.73 -0.96
CA PRO A 198 -10.03 -11.46 -2.21
C PRO A 198 -10.50 -12.77 -2.88
N ASP A 199 -11.58 -12.70 -3.66
CA ASP A 199 -12.15 -13.88 -4.37
C ASP A 199 -11.10 -14.28 -5.40
N PRO A 200 -10.48 -15.49 -5.26
CA PRO A 200 -9.47 -15.95 -6.19
C PRO A 200 -10.02 -16.34 -7.54
N ARG A 201 -11.35 -16.46 -7.63
CA ARG A 201 -12.03 -16.78 -8.90
C ARG A 201 -12.34 -15.50 -9.70
N VAL A 202 -12.35 -14.37 -9.01
CA VAL A 202 -12.63 -13.10 -9.65
C VAL A 202 -11.38 -12.23 -9.81
N HIS A 203 -10.41 -12.40 -8.93
CA HIS A 203 -9.16 -11.62 -9.01
C HIS A 203 -7.98 -12.57 -9.04
N CYS A 204 -6.81 -12.07 -9.40
CA CYS A 204 -5.57 -12.88 -9.41
C CYS A 204 -4.88 -12.71 -8.04
N VAL A 205 -4.94 -13.74 -7.20
CA VAL A 205 -4.34 -13.67 -5.88
C VAL A 205 -2.98 -14.44 -5.83
N LEU A 206 -1.91 -13.67 -5.63
CA LEU A 206 -0.54 -14.14 -5.55
C LEU A 206 -0.04 -14.03 -4.11
N LYS A 207 0.36 -15.15 -3.55
CA LYS A 207 0.88 -15.25 -2.17
C LYS A 207 2.35 -15.64 -2.14
N PHE A 208 3.09 -15.02 -1.22
CA PHE A 208 4.47 -15.37 -1.07
C PHE A 208 4.86 -15.05 0.36
N SER A 209 6.02 -15.51 0.79
CA SER A 209 6.51 -15.24 2.13
C SER A 209 6.94 -13.76 2.18
N HIS A 210 7.06 -13.23 3.40
CA HIS A 210 7.47 -11.85 3.66
C HIS A 210 8.82 -11.48 2.98
N PRO A 211 8.93 -10.27 2.38
CA PRO A 211 10.18 -9.84 1.70
C PRO A 211 11.48 -9.67 2.55
N SER A 212 11.36 -9.56 3.87
CA SER A 212 12.49 -9.41 4.78
C SER A 212 13.47 -10.56 4.60
N PRO A 213 14.77 -10.31 4.76
CA PRO A 213 15.79 -11.35 4.61
C PRO A 213 15.67 -12.43 5.74
N LEU A 214 14.86 -12.15 6.77
CA LEU A 214 14.66 -13.06 7.90
C LEU A 214 13.70 -14.19 7.59
N SER A 215 13.05 -14.13 6.42
CA SER A 215 12.13 -15.19 5.99
C SER A 215 12.95 -16.40 5.58
N LYS A 216 12.34 -17.59 5.65
CA LYS A 216 13.01 -18.85 5.28
C LYS A 216 13.31 -18.88 3.79
N VAL A 217 12.35 -18.49 2.97
CA VAL A 217 12.57 -18.48 1.54
C VAL A 217 13.09 -17.09 1.18
N PRO A 218 14.14 -17.02 0.34
CA PRO A 218 14.71 -15.73 -0.08
C PRO A 218 13.73 -15.07 -1.05
N PHE A 219 13.34 -13.83 -0.77
CA PHE A 219 12.40 -13.16 -1.61
C PHE A 219 12.85 -12.93 -3.04
N GLY A 220 14.15 -12.80 -3.25
CA GLY A 220 14.64 -12.62 -4.62
C GLY A 220 14.16 -13.73 -5.56
N THR A 221 13.69 -14.87 -5.03
CA THR A 221 13.19 -15.95 -5.87
C THR A 221 11.75 -15.69 -6.34
N CYS A 222 11.04 -14.80 -5.64
CA CYS A 222 9.66 -14.45 -6.00
C CYS A 222 9.48 -14.03 -7.46
N GLN A 223 8.51 -14.61 -8.15
CA GLN A 223 8.27 -14.27 -9.55
C GLN A 223 6.89 -13.69 -9.82
N HIS A 224 6.36 -13.02 -8.81
CA HIS A 224 5.05 -12.42 -8.87
C HIS A 224 4.92 -11.37 -9.94
N PHE A 225 6.01 -10.65 -10.20
CA PHE A 225 6.06 -9.57 -11.17
C PHE A 225 5.83 -10.07 -12.60
N LEU A 226 6.36 -11.26 -12.89
CA LEU A 226 6.22 -11.97 -14.16
C LEU A 226 4.80 -12.52 -14.34
N VAL A 227 4.33 -13.22 -13.32
CA VAL A 227 3.01 -13.85 -13.31
C VAL A 227 1.88 -12.83 -13.39
N ALA A 228 2.10 -11.67 -12.76
CA ALA A 228 1.14 -10.58 -12.78
C ALA A 228 0.95 -10.09 -14.20
N ASN A 229 2.05 -9.82 -14.89
CA ASN A 229 2.02 -9.36 -16.28
C ASN A 229 1.42 -10.40 -17.22
N ARG A 230 1.56 -11.67 -16.87
CA ARG A 230 0.97 -12.74 -17.67
C ARG A 230 -0.55 -12.78 -17.50
N TYR A 231 -1.03 -12.47 -16.29
CA TYR A 231 -2.46 -12.39 -16.01
C TYR A 231 -3.10 -11.16 -16.72
N LEU A 232 -2.50 -9.98 -16.55
CA LEU A 232 -2.99 -8.75 -17.16
C LEU A 232 -3.15 -8.93 -18.65
N GLU A 233 -2.12 -9.46 -19.32
CA GLU A 233 -2.17 -9.69 -20.76
C GLU A 233 -3.33 -10.56 -21.24
N THR A 234 -3.68 -11.59 -20.46
CA THR A 234 -4.78 -12.46 -20.82
C THR A 234 -6.11 -11.77 -20.57
N ARG A 235 -6.08 -10.54 -20.12
CA ARG A 235 -7.31 -9.83 -19.85
C ARG A 235 -7.38 -8.62 -20.76
N SER A 236 -6.40 -8.51 -21.65
CA SER A 236 -6.27 -7.40 -22.58
C SER A 236 -5.91 -6.10 -21.86
N ILE A 237 -5.30 -6.23 -20.67
CA ILE A 237 -4.89 -5.09 -19.88
C ILE A 237 -3.41 -4.98 -20.14
N SER A 238 -2.93 -3.75 -20.32
CA SER A 238 -1.50 -3.55 -20.57
C SER A 238 -0.64 -3.93 -19.34
N PRO A 239 0.52 -4.56 -19.58
CA PRO A 239 1.45 -4.96 -18.53
C PRO A 239 2.27 -3.79 -17.95
N ILE A 240 2.76 -4.00 -16.72
CA ILE A 240 3.51 -3.01 -15.96
C ILE A 240 4.98 -3.06 -16.26
N ASP A 241 5.57 -1.87 -16.33
CA ASP A 241 7.01 -1.67 -16.48
C ASP A 241 7.42 -1.50 -15.00
N TRP A 242 7.98 -2.57 -14.42
CA TRP A 242 8.41 -2.60 -13.01
C TRP A 242 9.74 -1.89 -12.71
N SER A 243 10.30 -1.21 -13.73
CA SER A 243 11.53 -0.43 -13.62
C SER A 243 11.19 0.72 -12.67
N VAL A 244 12.14 1.02 -11.79
CA VAL A 244 12.01 2.11 -10.80
C VAL A 244 13.41 2.33 -10.16
S SO4 B . 5.99 -15.37 6.42
O1 SO4 B . 5.82 -16.61 7.07
O2 SO4 B . 5.40 -15.44 5.13
O3 SO4 B . 5.38 -14.36 7.17
O4 SO4 B . 7.37 -15.10 6.30
S SO4 C . 12.35 -3.66 7.02
O1 SO4 C . 13.14 -3.04 8.02
O2 SO4 C . 12.44 -5.06 7.14
O3 SO4 C . 11.01 -3.26 7.19
O4 SO4 C . 12.81 -3.26 5.76
#